data_5DO4
#
_entry.id   5DO4
#
_cell.length_a   83.663
_cell.length_b   139.166
_cell.length_c   44.511
_cell.angle_alpha   90.000
_cell.angle_beta   90.000
_cell.angle_gamma   90.000
#
_symmetry.space_group_name_H-M   'P 21 21 2'
#
loop_
_entity.id
_entity.type
_entity.pdbx_description
1 polymer 'Thrombin light chain'
2 polymer 'Thrombin heavy chain'
3 polymer 'RNA (25-MER)'
4 non-polymer D-phenylalanyl-N-[(2S,3S)-6-{[amino(iminio)methyl]amino}-1-chloro-2-hydroxyhexan-3-yl]-L-prolinamide
5 non-polymer 2-acetamido-2-deoxy-beta-D-glucopyranose
6 non-polymer 1,2-ETHANEDIOL
7 non-polymer GLYCEROL
8 non-polymer 'CALCIUM ION'
9 non-polymer (4R)-2-METHYLPENTANE-2,4-DIOL
10 non-polymer 'MAGNESIUM ION'
11 water water
#
loop_
_entity_poly.entity_id
_entity_poly.type
_entity_poly.pdbx_seq_one_letter_code
_entity_poly.pdbx_strand_id
1 'polypeptide(L)' TFGSGEADCGLRPLFEKKSLEDKTERELLESYIDGR L
2 'polypeptide(L)'
;IVEGSDAEIGMSPWQVMLFRKSPQELLCGASLISDRWVLTAAHCLLYPPWDKNFTENDLLVRIGKHSRTRYERNIEKISM
LEKIYIHPRYNWRENLDRDIALMKLKKPVAFSDYIHPVCLPDRETAASLLQAGYKGRVTGWGNLKETWTANVGKGQPSVL
QVVNLPIVERPVCKDSTRIRITDNMFCAGYKPDEGKRGDACEGDSGGPFVMKSPFNNRWYQMGIVSWGEGCDRDGKYGFY
THVFRLKKWIQKVIDQFG
;
H
3 'polyribonucleotide' GGGAA(CFZ)AAAG(CFZ)(UMS)GAAG(UFT)(ADS)(CFZ)(UFT)(UMS)A(CFZ)(CFZ)(CFZ) A
#
# COMPACT_ATOMS: atom_id res chain seq x y z
N GLY A 5 -2.01 0.05 -21.72
CA GLY A 5 -2.59 0.52 -20.41
C GLY A 5 -1.56 1.27 -19.56
N GLU A 6 -1.96 1.74 -18.37
CA GLU A 6 -3.35 1.57 -17.87
C GLU A 6 -4.18 2.88 -18.08
N ALA A 7 -5.04 2.85 -19.08
CA ALA A 7 -5.68 4.05 -19.65
C ALA A 7 -6.08 5.15 -18.63
N ASP A 8 -7.02 4.79 -17.80
CA ASP A 8 -7.77 5.74 -17.01
C ASP A 8 -7.33 5.63 -15.47
N CYS A 9 -6.12 5.15 -15.24
CA CYS A 9 -5.64 4.85 -13.84
C CYS A 9 -5.50 6.12 -13.02
N GLY A 10 -5.73 6.02 -11.72
CA GLY A 10 -5.34 7.08 -10.79
C GLY A 10 -6.32 8.23 -10.65
N LEU A 11 -7.54 8.05 -11.22
CA LEU A 11 -8.56 9.07 -11.24
C LEU A 11 -9.79 8.51 -10.57
N ARG A 12 -10.09 9.00 -9.38
CA ARG A 12 -11.12 8.39 -8.57
C ARG A 12 -12.52 8.87 -8.99
N PRO A 13 -13.43 7.91 -9.22
CA PRO A 13 -14.80 8.24 -9.67
C PRO A 13 -15.52 9.21 -8.74
N LEU A 14 -15.25 9.11 -7.43
CA LEU A 14 -15.96 9.97 -6.46
C LEU A 14 -15.22 11.29 -6.11
N PHE A 15 -14.04 11.49 -6.69
CA PHE A 15 -13.26 12.68 -6.43
C PHE A 15 -12.79 13.37 -7.71
N GLU A 16 -11.66 12.95 -8.31
CA GLU A 16 -11.19 13.64 -9.49
C GLU A 16 -12.28 13.69 -10.59
N LYS A 17 -13.06 12.64 -10.77
CA LYS A 17 -13.99 12.58 -11.88
C LYS A 17 -15.22 13.46 -11.63
N LYS A 18 -15.44 13.83 -10.39
CA LYS A 18 -16.51 14.78 -10.03
C LYS A 18 -15.97 16.15 -9.72
N SER A 19 -14.69 16.39 -9.99
CA SER A 19 -14.01 17.61 -9.54
C SER A 19 -14.23 17.91 -8.06
N LEU A 20 -14.22 16.86 -7.21
CA LEU A 20 -14.30 17.03 -5.78
C LEU A 20 -12.97 16.60 -5.16
N GLU A 21 -12.54 17.27 -4.12
CA GLU A 21 -11.32 16.84 -3.45
C GLU A 21 -11.57 16.25 -2.07
N ASP A 22 -10.76 15.28 -1.69
CA ASP A 22 -10.92 14.66 -0.39
C ASP A 22 -10.36 15.62 0.67
N LYS A 23 -10.55 15.28 1.92
CA LYS A 23 -10.31 16.20 3.02
C LYS A 23 -8.87 16.53 3.26
N THR A 24 -7.97 15.66 2.89
CA THR A 24 -6.54 15.90 3.20
C THR A 24 -5.60 15.94 2.01
N GLU A 25 -6.10 15.83 0.79
CA GLU A 25 -5.17 15.85 -0.37
C GLU A 25 -4.42 17.17 -0.49
N ARG A 26 -5.01 18.26 0.02
CA ARG A 26 -4.29 19.62 0.00
C ARG A 26 -2.97 19.57 0.76
N GLU A 27 -2.93 18.78 1.81
CA GLU A 27 -1.71 18.57 2.58
C GLU A 27 -0.59 17.94 1.72
N LEU A 28 -0.97 17.07 0.81
CA LEU A 28 -0.01 16.44 -0.06
C LEU A 28 0.51 17.46 -1.08
N LEU A 29 -0.42 18.21 -1.68
CA LEU A 29 -0.04 19.24 -2.66
C LEU A 29 0.87 20.34 -2.03
N GLU A 30 0.52 20.79 -0.84
CA GLU A 30 1.34 21.83 -0.11
C GLU A 30 2.75 21.34 0.18
N SER A 31 2.92 20.01 0.35
CA SER A 31 4.25 19.46 0.66
C SER A 31 5.20 19.61 -0.52
N TYR A 32 4.66 19.81 -1.74
CA TYR A 32 5.54 20.12 -2.90
C TYR A 32 6.06 21.59 -2.89
N ILE A 33 5.45 22.45 -2.08
CA ILE A 33 5.82 23.85 -2.07
C ILE A 33 7.10 24.04 -1.28
N ASP A 34 8.21 24.15 -2.04
CA ASP A 34 9.62 23.81 -1.65
C ASP A 34 10.06 22.38 -2.14
N GLY A 35 10.48 21.48 -1.23
CA GLY A 35 10.99 20.19 -1.68
C GLY A 35 11.60 19.30 -0.66
N ARG A 36 12.64 18.52 -1.05
CA ARG A 36 13.01 18.23 -2.48
C ARG A 36 13.72 16.92 -2.45
N ILE B 1 -2.96 1.02 10.82
CA ILE B 1 -2.52 2.45 10.72
C ILE B 1 -2.65 3.11 12.09
N VAL B 2 -1.51 3.62 12.58
CA VAL B 2 -1.49 4.34 13.88
C VAL B 2 -1.58 5.84 13.65
N GLU B 3 -2.48 6.48 14.39
CA GLU B 3 -2.67 7.93 14.37
C GLU B 3 -3.10 8.46 13.03
N GLY B 4 -3.89 7.65 12.32
CA GLY B 4 -4.57 8.09 11.08
C GLY B 4 -6.00 8.44 11.39
N SER B 5 -6.85 8.43 10.38
CA SER B 5 -8.25 8.65 10.56
C SER B 5 -9.04 7.80 9.57
N ASP B 6 -10.35 7.79 9.74
CA ASP B 6 -11.25 7.09 8.84
C ASP B 6 -11.14 7.62 7.42
N ALA B 7 -10.97 6.72 6.46
CA ALA B 7 -11.08 7.09 5.05
C ALA B 7 -12.45 7.56 4.72
N GLU B 8 -12.55 8.46 3.73
CA GLU B 8 -13.82 8.76 3.10
C GLU B 8 -14.24 7.63 2.10
N ILE B 9 -15.52 7.55 1.80
CA ILE B 9 -16.02 6.55 0.86
C ILE B 9 -15.43 6.85 -0.53
N GLY B 10 -14.87 5.82 -1.17
CA GLY B 10 -14.23 5.94 -2.48
C GLY B 10 -12.91 6.72 -2.52
N MET B 11 -12.31 6.95 -1.34
CA MET B 11 -11.06 7.70 -1.24
C MET B 11 -9.84 6.93 -1.79
N SER B 12 -9.91 5.62 -1.73
CA SER B 12 -8.79 4.77 -2.10
C SER B 12 -9.34 3.52 -2.82
N PRO B 13 -9.95 3.74 -4.03
CA PRO B 13 -10.72 2.66 -4.66
C PRO B 13 -9.84 1.54 -5.22
N TRP B 14 -8.54 1.75 -5.18
CA TRP B 14 -7.57 0.72 -5.51
C TRP B 14 -7.22 -0.19 -4.29
N GLN B 15 -7.72 0.14 -3.09
CA GLN B 15 -7.40 -0.66 -1.90
C GLN B 15 -7.96 -2.07 -2.03
N VAL B 16 -7.12 -3.08 -1.81
CA VAL B 16 -7.53 -4.47 -1.80
C VAL B 16 -7.26 -5.11 -0.42
N MET B 17 -8.19 -5.93 0.03
CA MET B 17 -7.99 -6.74 1.25
C MET B 17 -7.67 -8.16 0.84
N LEU B 18 -6.57 -8.67 1.34
CA LEU B 18 -6.22 -10.06 1.22
C LEU B 18 -6.77 -10.84 2.41
N PHE B 19 -7.47 -11.93 2.14
CA PHE B 19 -8.30 -12.56 3.16
C PHE B 19 -8.07 -14.04 3.13
N ARG B 20 -7.80 -14.58 4.29
CA ARG B 20 -7.59 -16.02 4.47
C ARG B 20 -8.96 -16.75 4.48
N LYS B 21 -9.06 -17.84 3.71
CA LYS B 21 -10.31 -18.63 3.66
C LYS B 21 -10.60 -19.33 5.00
N SER B 22 -9.57 -19.91 5.61
CA SER B 22 -9.76 -20.70 6.84
C SER B 22 -8.49 -20.73 7.75
N PRO B 23 -8.63 -20.25 8.98
CA PRO B 23 -9.78 -19.49 9.41
C PRO B 23 -10.02 -18.25 8.53
N GLN B 24 -11.24 -17.75 8.57
CA GLN B 24 -11.58 -16.52 7.91
C GLN B 24 -10.90 -15.37 8.64
N GLU B 25 -9.87 -14.79 8.02
CA GLU B 25 -9.26 -13.59 8.61
C GLU B 25 -8.56 -12.71 7.58
N LEU B 26 -8.48 -11.44 7.93
CA LEU B 26 -7.73 -10.50 7.18
C LEU B 26 -6.24 -10.91 7.25
N LEU B 27 -5.57 -10.99 6.11
CA LEU B 27 -4.11 -11.22 6.12
C LEU B 27 -3.30 -9.91 5.96
N CYS B 28 -3.67 -9.12 4.99
CA CYS B 28 -2.80 -8.04 4.54
C CYS B 28 -3.61 -7.09 3.66
N GLY B 29 -3.00 -5.95 3.34
CA GLY B 29 -3.44 -5.12 2.25
C GLY B 29 -2.81 -5.46 0.91
N ALA B 30 -3.25 -4.74 -0.10
CA ALA B 30 -2.82 -4.93 -1.47
C ALA B 30 -3.41 -3.74 -2.27
N SER B 31 -3.07 -3.68 -3.55
CA SER B 31 -3.59 -2.64 -4.39
C SER B 31 -3.98 -3.19 -5.76
N LEU B 32 -5.00 -2.58 -6.34
CA LEU B 32 -5.50 -2.94 -7.69
C LEU B 32 -4.72 -2.10 -8.77
N ILE B 33 -3.94 -2.78 -9.66
CA ILE B 33 -3.20 -2.06 -10.71
C ILE B 33 -3.74 -2.29 -12.14
N SER B 34 -4.73 -3.16 -12.26
CA SER B 34 -5.55 -3.28 -13.51
C SER B 34 -6.78 -4.11 -13.17
N ASP B 35 -7.55 -4.49 -14.18
CA ASP B 35 -8.75 -5.29 -13.91
C ASP B 35 -8.47 -6.72 -13.45
N ARG B 36 -7.23 -7.24 -13.64
CA ARG B 36 -6.91 -8.61 -13.19
C ARG B 36 -5.55 -8.78 -12.46
N TRP B 37 -4.89 -7.69 -12.09
CA TRP B 37 -3.65 -7.76 -11.38
C TRP B 37 -3.71 -7.00 -10.07
N VAL B 38 -3.23 -7.67 -9.02
CA VAL B 38 -3.17 -7.08 -7.71
C VAL B 38 -1.71 -7.16 -7.18
N LEU B 39 -1.25 -6.06 -6.61
CA LEU B 39 0.10 -5.93 -6.08
C LEU B 39 0.06 -6.04 -4.54
N THR B 40 1.04 -6.72 -3.95
CA THR B 40 1.10 -6.80 -2.51
C THR B 40 2.53 -7.04 -2.07
N ALA B 41 2.72 -7.23 -0.77
CA ALA B 41 4.06 -7.53 -0.23
C ALA B 41 4.26 -9.07 -0.20
N ALA B 42 5.42 -9.54 -0.65
CA ALA B 42 5.83 -10.97 -0.58
C ALA B 42 5.66 -11.59 0.77
N HIS B 43 6.01 -10.88 1.83
CA HIS B 43 5.94 -11.46 3.20
C HIS B 43 4.53 -11.76 3.68
N CYS B 44 3.54 -11.19 3.01
CA CYS B 44 2.17 -11.56 3.25
C CYS B 44 1.87 -13.00 2.76
N LEU B 45 2.60 -13.46 1.76
CA LEU B 45 2.34 -14.75 1.13
C LEU B 45 3.40 -15.81 1.52
N LEU B 46 4.65 -15.39 1.68
CA LEU B 46 5.75 -16.28 1.95
C LEU B 46 6.64 -15.68 3.02
N TYR B 47 6.62 -16.27 4.20
CA TYR B 47 7.56 -15.89 5.27
C TYR B 47 7.83 -17.12 6.19
N PRO B 48 8.80 -17.95 5.80
CA PRO B 48 9.07 -19.24 6.49
C PRO B 48 9.31 -19.11 7.98
N PRO B 49 10.03 -18.04 8.43
CA PRO B 49 10.22 -17.90 9.88
C PRO B 49 8.93 -17.86 10.68
N TRP B 50 7.81 -17.56 10.03
CA TRP B 50 6.48 -17.63 10.71
C TRP B 50 5.65 -18.80 10.17
N ASP B 51 6.32 -19.77 9.53
CA ASP B 51 5.66 -20.84 8.77
C ASP B 51 4.52 -20.33 7.95
N LYS B 52 4.82 -19.38 7.08
CA LYS B 52 3.82 -18.82 6.20
C LYS B 52 4.19 -19.12 4.76
N ASN B 53 3.31 -19.80 4.06
CA ASN B 53 3.54 -20.15 2.69
C ASN B 53 2.22 -20.45 2.03
N PHE B 54 1.50 -19.39 1.64
CA PHE B 54 0.14 -19.53 1.13
C PHE B 54 0.14 -19.93 -0.32
N THR B 55 -0.84 -20.77 -0.72
CA THR B 55 -1.09 -21.10 -2.14
C THR B 55 -2.37 -20.37 -2.62
N GLU B 56 -2.62 -20.40 -3.91
CA GLU B 56 -3.76 -19.64 -4.50
C GLU B 56 -5.09 -19.95 -3.80
N ASN B 57 -5.28 -21.21 -3.43
CA ASN B 57 -6.56 -21.66 -2.91
C ASN B 57 -6.77 -21.36 -1.43
N ASP B 58 -5.72 -20.91 -0.74
CA ASP B 58 -5.86 -20.49 0.68
C ASP B 58 -6.54 -19.10 0.87
N LEU B 59 -6.66 -18.32 -0.25
CA LEU B 59 -6.87 -16.85 -0.18
C LEU B 59 -7.97 -16.36 -1.06
N LEU B 60 -8.60 -15.27 -0.62
CA LEU B 60 -9.48 -14.41 -1.46
C LEU B 60 -8.89 -13.01 -1.51
N VAL B 61 -9.24 -12.26 -2.55
CA VAL B 61 -9.16 -10.80 -2.46
C VAL B 61 -10.51 -10.16 -2.45
N ARG B 62 -10.65 -9.17 -1.59
CA ARG B 62 -11.88 -8.44 -1.47
C ARG B 62 -11.64 -6.97 -1.85
N ILE B 63 -12.36 -6.53 -2.86
CA ILE B 63 -12.06 -5.25 -3.55
C ILE B 63 -13.27 -4.33 -3.38
N GLY B 64 -13.00 -3.05 -3.19
CA GLY B 64 -14.08 -2.07 -3.04
C GLY B 64 -14.61 -1.87 -1.63
N LYS B 65 -13.88 -2.38 -0.62
CA LYS B 65 -14.37 -2.37 0.76
C LYS B 65 -14.08 -1.05 1.49
N HIS B 66 -14.90 -0.80 2.50
CA HIS B 66 -14.70 0.30 3.44
C HIS B 66 -14.67 -0.29 4.89
N SER B 67 -15.75 -0.97 5.31
CA SER B 67 -15.76 -1.69 6.59
C SER B 67 -14.71 -2.81 6.62
N ARG B 68 -14.07 -3.00 7.76
CA ARG B 68 -13.11 -4.13 7.95
C ARG B 68 -13.81 -5.46 7.90
N THR B 69 -15.01 -5.52 8.43
CA THR B 69 -15.64 -6.84 8.77
C THR B 69 -16.98 -7.09 8.06
N ARG B 70 -17.77 -6.03 7.87
CA ARG B 70 -19.14 -6.18 7.30
C ARG B 70 -19.03 -6.56 5.78
N TYR B 71 -19.83 -7.55 5.34
CA TYR B 71 -19.97 -7.84 3.91
C TYR B 71 -20.74 -6.68 3.26
N GLU B 72 -20.13 -6.03 2.26
CA GLU B 72 -20.70 -4.79 1.73
C GLU B 72 -21.44 -5.04 0.45
N ARG B 73 -22.71 -5.36 0.62
CA ARG B 73 -23.56 -5.83 -0.44
C ARG B 73 -23.66 -4.79 -1.57
N ASN B 74 -23.45 -5.27 -2.80
CA ASN B 74 -23.53 -4.44 -4.04
C ASN B 74 -22.33 -3.42 -4.19
N ILE B 75 -21.34 -3.54 -3.31
CA ILE B 75 -20.23 -2.60 -3.28
C ILE B 75 -18.97 -3.38 -3.46
N GLU B 76 -18.67 -4.30 -2.51
CA GLU B 76 -17.45 -5.09 -2.60
C GLU B 76 -17.57 -6.19 -3.59
N LYS B 77 -16.43 -6.58 -4.19
CA LYS B 77 -16.34 -7.72 -5.09
C LYS B 77 -15.23 -8.66 -4.56
N ILE B 78 -15.45 -9.95 -4.74
CA ILE B 78 -14.56 -10.96 -4.22
C ILE B 78 -14.03 -11.75 -5.39
N SER B 79 -12.74 -11.92 -5.46
CA SER B 79 -12.14 -12.67 -6.54
C SER B 79 -11.30 -13.75 -5.99
N MET B 80 -11.23 -14.84 -6.72
CA MET B 80 -10.30 -15.89 -6.44
C MET B 80 -9.03 -15.58 -7.17
N LEU B 81 -7.92 -16.18 -6.72
CA LEU B 81 -6.60 -16.03 -7.37
C LEU B 81 -6.33 -17.11 -8.35
N GLU B 82 -5.84 -16.74 -9.53
CA GLU B 82 -5.42 -17.68 -10.51
C GLU B 82 -3.97 -18.09 -10.27
N LYS B 83 -3.10 -17.12 -10.03
CA LYS B 83 -1.71 -17.41 -9.76
C LYS B 83 -1.04 -16.32 -8.92
N ILE B 84 -0.03 -16.75 -8.11
CA ILE B 84 0.79 -15.86 -7.31
C ILE B 84 2.17 -15.87 -7.87
N TYR B 85 2.77 -14.69 -7.97
CA TYR B 85 4.18 -14.56 -8.36
C TYR B 85 4.92 -13.79 -7.29
N ILE B 86 5.91 -14.46 -6.68
CA ILE B 86 6.79 -13.86 -5.68
C ILE B 86 8.03 -13.36 -6.39
N HIS B 87 8.53 -12.20 -6.01
CA HIS B 87 9.75 -11.72 -6.63
C HIS B 87 10.84 -12.77 -6.47
N PRO B 88 11.54 -13.10 -7.55
CA PRO B 88 12.52 -14.19 -7.52
C PRO B 88 13.74 -13.92 -6.66
N ARG B 89 13.99 -12.67 -6.28
CA ARG B 89 15.13 -12.34 -5.35
C ARG B 89 14.65 -11.77 -3.99
N TYR B 90 13.40 -12.01 -3.66
CA TYR B 90 12.86 -11.67 -2.35
C TYR B 90 13.68 -12.28 -1.21
N ASN B 91 14.20 -11.43 -0.34
CA ASN B 91 15.08 -11.87 0.72
C ASN B 91 14.36 -11.93 2.05
N TRP B 92 13.66 -13.03 2.30
CA TRP B 92 12.97 -13.21 3.56
C TRP B 92 13.93 -13.49 4.72
N ARG B 93 15.10 -14.08 4.42
CA ARG B 93 16.06 -14.48 5.50
C ARG B 93 16.63 -13.27 6.23
N GLU B 94 17.04 -12.24 5.48
CA GLU B 94 17.70 -11.10 6.09
C GLU B 94 16.73 -9.94 6.38
N ASN B 95 16.34 -9.18 5.34
CA ASN B 95 15.79 -7.86 5.56
C ASN B 95 14.53 -7.52 4.74
N LEU B 96 13.92 -8.53 4.12
CA LEU B 96 12.72 -8.35 3.26
C LEU B 96 13.03 -7.48 2.05
N ASP B 97 14.26 -7.55 1.56
CA ASP B 97 14.63 -6.87 0.34
C ASP B 97 13.76 -7.41 -0.79
N ARG B 98 13.20 -6.50 -1.59
CA ARG B 98 12.29 -6.81 -2.66
C ARG B 98 11.04 -7.51 -2.15
N ASP B 99 10.41 -6.88 -1.19
CA ASP B 99 9.20 -7.40 -0.56
C ASP B 99 7.99 -7.05 -1.45
N ILE B 100 7.83 -7.80 -2.52
CA ILE B 100 6.84 -7.49 -3.52
C ILE B 100 6.36 -8.80 -4.19
N ALA B 101 5.05 -8.84 -4.46
CA ALA B 101 4.41 -9.97 -5.13
C ALA B 101 3.22 -9.48 -6.01
N LEU B 102 2.97 -10.21 -7.09
CA LEU B 102 1.76 -10.01 -7.94
C LEU B 102 0.79 -11.20 -7.84
N MET B 103 -0.48 -10.90 -7.83
CA MET B 103 -1.50 -11.91 -7.88
C MET B 103 -2.40 -11.63 -9.06
N LYS B 104 -2.54 -12.63 -9.94
CA LYS B 104 -3.50 -12.58 -11.09
C LYS B 104 -4.82 -13.11 -10.67
N LEU B 105 -5.90 -12.37 -10.95
CA LEU B 105 -7.22 -12.77 -10.59
C LEU B 105 -7.78 -13.78 -11.57
N LYS B 106 -8.67 -14.62 -11.09
CA LYS B 106 -9.27 -15.69 -11.92
C LYS B 106 -10.17 -15.13 -13.04
N LYS B 107 -10.94 -14.12 -12.73
CA LYS B 107 -11.54 -13.29 -13.76
C LYS B 107 -11.41 -11.81 -13.45
N PRO B 108 -11.49 -10.96 -14.47
CA PRO B 108 -11.34 -9.54 -14.25
C PRO B 108 -12.43 -8.98 -13.33
N VAL B 109 -12.09 -8.01 -12.46
CA VAL B 109 -13.12 -7.23 -11.72
C VAL B 109 -13.61 -6.14 -12.59
N ALA B 110 -14.88 -5.78 -12.41
CA ALA B 110 -15.47 -4.65 -13.08
C ALA B 110 -15.25 -3.41 -12.21
N PHE B 111 -14.90 -2.29 -12.84
CA PHE B 111 -14.66 -1.05 -12.13
C PHE B 111 -15.95 -0.40 -11.74
N SER B 112 -15.91 0.41 -10.72
CA SER B 112 -17.11 1.07 -10.24
C SER B 112 -16.71 2.32 -9.53
N ASP B 113 -17.67 3.01 -8.90
CA ASP B 113 -17.37 4.13 -8.04
C ASP B 113 -16.35 3.79 -6.94
N TYR B 114 -16.35 2.52 -6.52
CA TYR B 114 -15.62 2.10 -5.32
C TYR B 114 -14.40 1.26 -5.69
N ILE B 115 -14.27 0.93 -6.97
CA ILE B 115 -13.21 0.04 -7.47
C ILE B 115 -12.60 0.66 -8.66
N HIS B 116 -11.31 1.01 -8.56
CA HIS B 116 -10.59 1.65 -9.64
C HIS B 116 -9.08 1.50 -9.44
N PRO B 117 -8.33 1.20 -10.53
CA PRO B 117 -6.91 0.97 -10.38
C PRO B 117 -6.08 2.26 -10.16
N VAL B 118 -4.98 2.11 -9.39
CA VAL B 118 -3.97 3.17 -9.20
C VAL B 118 -2.91 3.11 -10.35
N CYS B 119 -2.28 4.23 -10.68
CA CYS B 119 -1.13 4.23 -11.66
C CYS B 119 0.15 3.79 -11.01
N LEU B 120 1.03 3.17 -11.81
CA LEU B 120 2.42 2.99 -11.42
C LEU B 120 3.27 4.06 -12.07
N PRO B 121 4.30 4.52 -11.37
CA PRO B 121 5.08 5.66 -11.86
C PRO B 121 5.98 5.31 -13.00
N ASP B 122 6.05 6.19 -14.01
CA ASP B 122 7.18 6.25 -15.02
C ASP B 122 8.45 6.88 -14.36
N ARG B 123 9.58 6.81 -15.04
CA ARG B 123 10.85 7.38 -14.51
C ARG B 123 10.74 8.86 -14.10
N GLU B 124 10.10 9.67 -14.92
CA GLU B 124 10.01 11.10 -14.65
C GLU B 124 9.14 11.39 -13.47
N THR B 125 8.02 10.72 -13.37
CA THR B 125 7.15 10.86 -12.24
C THR B 125 7.83 10.43 -10.94
N ALA B 126 8.54 9.32 -10.98
CA ALA B 126 9.21 8.83 -9.77
C ALA B 126 10.34 9.78 -9.32
N ALA B 127 11.13 10.23 -10.29
CA ALA B 127 12.27 11.12 -10.02
C ALA B 127 11.81 12.47 -9.45
N SER B 128 10.64 12.92 -9.90
CA SER B 128 10.07 14.19 -9.48
C SER B 128 9.42 14.15 -8.11
N LEU B 129 8.69 13.07 -7.82
CA LEU B 129 7.85 13.04 -6.61
C LEU B 129 8.49 12.32 -5.44
N LEU B 130 9.36 11.37 -5.71
CA LEU B 130 9.92 10.58 -4.63
C LEU B 130 11.13 11.33 -4.06
N GLN B 131 10.80 12.34 -3.22
CA GLN B 131 11.74 13.30 -2.69
C GLN B 131 11.48 13.50 -1.23
N ALA B 132 12.55 13.64 -0.46
CA ALA B 132 12.41 13.80 0.99
C ALA B 132 11.71 15.07 1.26
N GLY B 133 10.74 15.03 2.17
CA GLY B 133 9.92 16.22 2.51
C GLY B 133 8.56 16.20 1.78
N TYR B 134 8.47 15.55 0.64
CA TYR B 134 7.15 15.35 -0.03
C TYR B 134 6.36 14.33 0.71
N LYS B 135 5.08 14.52 0.79
CA LYS B 135 4.21 13.57 1.49
C LYS B 135 3.49 12.64 0.53
N GLY B 136 3.34 11.40 0.97
CA GLY B 136 2.38 10.50 0.38
C GLY B 136 1.39 10.00 1.38
N ARG B 137 0.66 8.96 0.98
CA ARG B 137 -0.48 8.54 1.74
C ARG B 137 -0.48 7.03 1.84
N VAL B 138 -0.79 6.54 3.05
CA VAL B 138 -0.82 5.11 3.35
C VAL B 138 -2.18 4.77 3.90
N THR B 139 -2.68 3.59 3.52
CA THR B 139 -4.05 3.13 3.89
C THR B 139 -4.01 1.64 4.32
N GLY B 140 -4.87 1.30 5.23
CA GLY B 140 -4.99 -0.07 5.63
C GLY B 140 -6.00 -0.33 6.73
N TRP B 141 -6.26 -1.62 6.96
CA TRP B 141 -7.12 -2.06 8.02
C TRP B 141 -6.30 -2.70 9.17
N GLY B 142 -4.98 -2.49 9.15
CA GLY B 142 -4.09 -3.03 10.18
C GLY B 142 -4.27 -2.42 11.56
N ASN B 143 -3.42 -2.80 12.47
CA ASN B 143 -3.56 -2.38 13.90
C ASN B 143 -3.46 -0.89 14.14
N LEU B 144 -4.21 -0.46 15.12
CA LEU B 144 -4.27 0.93 15.51
C LEU B 144 -3.19 1.24 16.51
N LYS B 145 -2.59 0.22 17.12
CA LYS B 145 -1.57 0.42 18.19
C LYS B 145 -0.53 -0.65 18.12
N GLU B 146 0.71 -0.27 18.38
CA GLU B 146 1.84 -1.20 18.37
C GLU B 146 1.62 -2.29 19.36
N THR B 147 1.18 -1.88 20.54
CA THR B 147 0.74 -2.78 21.58
C THR B 147 -0.79 -3.00 21.45
N ALA B 150 -3.41 -8.06 16.79
CA ALA B 150 -4.58 -8.24 15.91
C ALA B 150 -5.73 -9.00 16.63
N ASN B 151 -5.38 -9.83 17.65
CA ASN B 151 -6.39 -10.40 18.62
C ASN B 151 -7.28 -9.33 19.28
N VAL B 152 -6.65 -8.22 19.69
CA VAL B 152 -7.30 -7.18 20.51
C VAL B 152 -8.23 -6.31 19.65
N GLY B 153 -9.55 -6.43 19.89
CA GLY B 153 -10.59 -5.71 19.11
C GLY B 153 -10.61 -4.16 19.26
N LYS B 154 -10.05 -3.64 20.37
CA LYS B 154 -9.92 -2.15 20.58
C LYS B 154 -8.85 -1.52 19.68
N GLY B 155 -7.94 -2.37 19.20
CA GLY B 155 -6.88 -1.94 18.35
C GLY B 155 -7.09 -2.32 16.90
N GLN B 156 -8.33 -2.69 16.55
CA GLN B 156 -8.74 -2.97 15.16
C GLN B 156 -9.71 -1.91 14.71
N PRO B 157 -9.51 -1.33 13.49
CA PRO B 157 -10.41 -0.29 13.04
C PRO B 157 -11.75 -0.82 12.56
N SER B 158 -12.77 -0.03 12.70
CA SER B 158 -14.08 -0.32 12.13
C SER B 158 -14.04 -0.18 10.57
N VAL B 159 -13.40 0.89 10.09
CA VAL B 159 -13.33 1.18 8.67
C VAL B 159 -11.91 1.47 8.25
N LEU B 160 -11.68 1.44 6.95
CA LEU B 160 -10.37 1.71 6.37
C LEU B 160 -9.76 2.99 6.98
N GLN B 161 -8.48 2.90 7.29
CA GLN B 161 -7.74 4.05 7.85
C GLN B 161 -6.78 4.68 6.83
N VAL B 162 -6.52 5.98 7.00
CA VAL B 162 -5.66 6.72 6.09
C VAL B 162 -4.71 7.61 6.90
N VAL B 163 -3.46 7.71 6.47
CA VAL B 163 -2.59 8.73 7.03
C VAL B 163 -1.66 9.27 5.97
N ASN B 164 -1.37 10.57 6.04
CA ASN B 164 -0.38 11.17 5.18
C ASN B 164 0.98 11.33 5.89
N LEU B 165 2.06 11.01 5.19
CA LEU B 165 3.38 10.95 5.82
C LEU B 165 4.46 11.44 4.85
N PRO B 166 5.47 12.20 5.36
CA PRO B 166 6.56 12.64 4.49
C PRO B 166 7.62 11.57 4.27
N ILE B 167 8.17 11.59 3.07
CA ILE B 167 9.30 10.75 2.71
C ILE B 167 10.55 11.29 3.45
N VAL B 168 11.38 10.38 3.90
CA VAL B 168 12.49 10.71 4.76
C VAL B 168 13.81 10.48 4.03
N GLU B 169 14.79 11.36 4.29
CA GLU B 169 16.14 11.28 3.66
C GLU B 169 16.73 9.94 3.95
N ARG B 170 17.45 9.39 2.97
CA ARG B 170 17.91 8.00 3.06
C ARG B 170 18.90 7.77 4.25
N PRO B 171 19.84 8.74 4.50
CA PRO B 171 20.77 8.52 5.65
C PRO B 171 20.07 8.54 7.01
N VAL B 172 19.00 9.31 7.11
CA VAL B 172 18.18 9.28 8.34
C VAL B 172 17.50 7.90 8.51
N CYS B 173 16.92 7.39 7.43
CA CYS B 173 16.34 6.05 7.46
C CYS B 173 17.41 5.07 7.95
N LYS B 174 18.58 5.13 7.33
CA LYS B 174 19.66 4.19 7.62
C LYS B 174 20.14 4.26 9.07
N ASP B 175 20.28 5.46 9.62
CA ASP B 175 20.75 5.60 11.02
C ASP B 175 19.71 5.24 12.04
N SER B 176 18.44 5.12 11.63
CA SER B 176 17.36 4.88 12.57
C SER B 176 17.30 3.42 13.04
N THR B 177 18.02 2.54 12.38
CA THR B 177 17.81 1.11 12.58
C THR B 177 19.11 0.35 12.34
N ARG B 178 19.26 -0.78 13.03
CA ARG B 178 20.39 -1.67 12.83
C ARG B 178 20.19 -2.59 11.60
N ILE B 179 18.94 -2.68 11.12
CA ILE B 179 18.66 -3.50 9.92
C ILE B 179 19.19 -2.83 8.63
N ARG B 180 19.72 -3.64 7.73
CA ARG B 180 20.34 -3.16 6.50
C ARG B 180 19.22 -2.66 5.54
N ILE B 181 19.31 -1.40 5.14
CA ILE B 181 18.37 -0.78 4.20
C ILE B 181 18.91 -0.83 2.81
N THR B 182 18.16 -1.34 1.89
CA THR B 182 18.63 -1.44 0.54
C THR B 182 18.07 -0.30 -0.35
N ASP B 183 18.63 -0.20 -1.53
CA ASP B 183 18.20 0.75 -2.56
C ASP B 183 16.82 0.39 -3.14
N ASN B 184 16.26 -0.78 -2.74
CA ASN B 184 14.89 -1.16 -3.13
C ASN B 184 13.85 -0.85 -2.07
N MET B 185 14.26 -0.07 -1.07
CA MET B 185 13.39 0.41 0.01
C MET B 185 13.44 1.92 0.09
N PHE B 186 12.37 2.51 0.68
CA PHE B 186 12.46 3.84 1.27
C PHE B 186 11.71 3.91 2.53
N CYS B 187 11.86 5.00 3.26
CA CYS B 187 11.12 5.15 4.50
C CYS B 187 10.42 6.48 4.59
N ALA B 188 9.42 6.54 5.44
CA ALA B 188 8.58 7.71 5.58
C ALA B 188 8.08 7.80 7.02
N GLY B 189 7.69 8.99 7.42
CA GLY B 189 7.29 9.25 8.77
C GLY B 189 7.84 10.63 9.24
N TYR B 190 7.15 11.22 10.21
CA TYR B 190 7.57 12.43 10.84
C TYR B 190 8.72 12.16 11.78
N LYS B 191 9.61 13.13 11.84
CA LYS B 191 10.68 13.15 12.80
C LYS B 191 10.14 13.60 14.15
N PRO B 192 10.84 13.22 15.24
CA PRO B 192 10.33 13.56 16.57
C PRO B 192 10.16 15.07 16.76
N ASP B 193 11.07 15.86 16.15
CA ASP B 193 11.04 17.33 16.28
C ASP B 193 9.82 17.98 15.50
N GLU B 194 9.20 17.22 14.58
CA GLU B 194 8.11 17.75 13.78
C GLU B 194 6.76 17.65 14.47
N GLY B 195 6.71 16.93 15.61
CA GLY B 195 5.51 16.94 16.47
C GLY B 195 4.37 16.02 16.00
N LYS B 196 4.02 16.11 14.72
CA LYS B 196 3.04 15.18 14.12
C LYS B 196 3.50 13.72 14.14
N ARG B 197 2.51 12.84 14.07
CA ARG B 197 2.68 11.42 14.28
C ARG B 197 1.99 10.65 13.11
N GLY B 198 2.26 9.35 13.02
CA GLY B 198 1.55 8.46 12.16
C GLY B 198 2.47 7.44 11.57
N ASP B 199 1.95 6.24 11.34
CA ASP B 199 2.73 5.17 10.81
C ASP B 199 1.81 4.07 10.29
N ALA B 200 2.34 3.22 9.42
CA ALA B 200 1.68 1.97 9.15
C ALA B 200 1.99 1.04 10.35
N CYS B 201 1.36 -0.13 10.36
CA CYS B 201 1.56 -1.09 11.47
C CYS B 201 1.31 -2.50 10.99
N GLU B 202 1.37 -3.45 11.92
CA GLU B 202 1.05 -4.80 11.58
C GLU B 202 -0.37 -4.90 11.04
N GLY B 203 -0.53 -5.70 9.99
CA GLY B 203 -1.79 -5.79 9.26
C GLY B 203 -1.83 -4.94 7.97
N ASP B 204 -0.95 -3.92 7.89
CA ASP B 204 -1.03 -2.94 6.77
C ASP B 204 -0.15 -3.35 5.61
N SER B 205 0.72 -4.35 5.81
CA SER B 205 1.64 -4.75 4.73
C SER B 205 0.89 -5.02 3.47
N GLY B 206 1.53 -4.74 2.34
CA GLY B 206 0.92 -4.90 1.04
C GLY B 206 0.12 -3.70 0.55
N GLY B 207 -0.32 -2.86 1.47
CA GLY B 207 -1.05 -1.67 1.16
C GLY B 207 -0.19 -0.64 0.46
N PRO B 208 -0.80 0.29 -0.25
CA PRO B 208 -0.01 1.18 -1.08
C PRO B 208 0.37 2.46 -0.36
N PHE B 209 1.58 2.96 -0.66
CA PHE B 209 1.97 4.35 -0.33
C PHE B 209 1.79 5.12 -1.64
N VAL B 210 0.83 6.05 -1.65
CA VAL B 210 0.47 6.73 -2.93
C VAL B 210 0.77 8.23 -2.88
N MET B 211 0.98 8.81 -4.08
CA MET B 211 1.21 10.23 -4.24
C MET B 211 0.29 10.79 -5.31
N LYS B 212 -0.28 11.96 -5.07
CA LYS B 212 -1.02 12.63 -6.10
C LYS B 212 -0.13 13.54 -6.94
N SER B 213 -0.04 13.26 -8.24
CA SER B 213 0.81 14.03 -9.09
C SER B 213 0.22 15.43 -9.26
N PRO B 214 1.01 16.46 -8.99
CA PRO B 214 0.60 17.81 -9.32
C PRO B 214 0.63 18.10 -10.85
N PHE B 215 1.33 17.25 -11.61
CA PHE B 215 1.48 17.42 -13.06
C PHE B 215 0.25 16.99 -13.87
N ASN B 216 -0.43 15.91 -13.45
CA ASN B 216 -1.65 15.41 -14.20
C ASN B 216 -2.84 15.02 -13.32
N ASN B 217 -2.76 15.39 -12.02
CA ASN B 217 -3.78 15.08 -11.03
C ASN B 217 -4.14 13.59 -10.83
N ARG B 218 -3.21 12.71 -11.16
CA ARG B 218 -3.42 11.27 -11.03
C ARG B 218 -2.67 10.73 -9.77
N TRP B 219 -3.19 9.67 -9.22
CA TRP B 219 -2.59 9.03 -8.08
C TRP B 219 -1.69 7.91 -8.56
N TYR B 220 -0.48 7.87 -7.99
CA TYR B 220 0.59 6.89 -8.32
C TYR B 220 0.96 6.15 -7.07
N GLN B 221 1.12 4.84 -7.18
CA GLN B 221 1.65 4.07 -6.09
C GLN B 221 3.18 4.04 -6.15
N MET B 222 3.83 4.64 -5.16
CA MET B 222 5.28 4.68 -5.09
C MET B 222 5.82 3.59 -4.21
N GLY B 223 5.02 3.15 -3.25
CA GLY B 223 5.50 2.24 -2.19
C GLY B 223 4.51 1.13 -1.87
N ILE B 224 5.01 0.07 -1.25
CA ILE B 224 4.20 -0.97 -0.61
C ILE B 224 4.62 -1.09 0.87
N VAL B 225 3.66 -1.03 1.79
CA VAL B 225 3.95 -1.19 3.23
C VAL B 225 4.68 -2.50 3.42
N SER B 226 5.87 -2.46 4.01
CA SER B 226 6.74 -3.64 4.06
C SER B 226 7.16 -4.01 5.51
N TRP B 227 7.76 -3.10 6.24
CA TRP B 227 8.24 -3.44 7.58
C TRP B 227 8.50 -2.24 8.44
N GLY B 228 8.68 -2.50 9.74
CA GLY B 228 9.12 -1.51 10.67
C GLY B 228 9.60 -2.16 11.97
N GLU B 229 9.83 -1.34 12.97
CA GLU B 229 10.12 -1.83 14.35
C GLU B 229 9.24 -1.10 15.33
N GLY B 230 8.29 -1.80 15.87
CA GLY B 230 7.15 -1.18 16.55
C GLY B 230 6.33 -0.37 15.55
N CYS B 231 5.53 0.54 16.04
CA CYS B 231 4.68 1.35 15.17
C CYS B 231 4.60 2.71 15.75
N ASP B 232 4.93 3.72 14.92
CA ASP B 232 4.88 5.12 15.35
C ASP B 232 5.77 5.45 16.58
N ARG B 233 6.91 4.83 16.69
CA ARG B 233 7.89 5.24 17.75
C ARG B 233 8.64 6.48 17.31
N ASP B 234 8.89 7.39 18.26
CA ASP B 234 9.80 8.53 17.99
C ASP B 234 11.13 7.99 17.49
N GLY B 235 11.64 8.55 16.40
CA GLY B 235 12.98 8.16 15.88
C GLY B 235 12.98 6.90 15.04
N LYS B 236 11.80 6.29 14.88
CA LYS B 236 11.64 5.17 13.98
C LYS B 236 10.77 5.59 12.78
N TYR B 237 10.98 4.92 11.65
CA TYR B 237 10.21 5.20 10.42
C TYR B 237 9.67 3.91 9.81
N GLY B 238 8.52 4.01 9.11
CA GLY B 238 8.04 2.90 8.33
C GLY B 238 8.83 2.68 7.09
N PHE B 239 8.96 1.43 6.70
CA PHE B 239 9.68 1.09 5.48
C PHE B 239 8.76 0.54 4.43
N TYR B 240 9.11 0.83 3.18
CA TYR B 240 8.26 0.59 2.04
C TYR B 240 9.10 0.05 0.94
N THR B 241 8.53 -0.90 0.20
CA THR B 241 9.15 -1.39 -1.00
C THR B 241 9.07 -0.31 -2.07
N HIS B 242 10.19 -0.10 -2.74
CA HIS B 242 10.36 0.95 -3.76
C HIS B 242 9.83 0.47 -5.11
N VAL B 243 8.57 0.80 -5.40
CA VAL B 243 7.87 0.21 -6.56
C VAL B 243 8.54 0.53 -7.87
N PHE B 244 9.02 1.78 -8.04
CA PHE B 244 9.61 2.13 -9.29
C PHE B 244 10.91 1.33 -9.53
N ARG B 245 11.68 1.12 -8.47
CA ARG B 245 12.92 0.39 -8.58
C ARG B 245 12.71 -1.04 -9.07
N LEU B 246 11.56 -1.63 -8.76
CA LEU B 246 11.23 -3.03 -9.17
C LEU B 246 10.14 -3.11 -10.26
N LYS B 247 9.97 -2.03 -11.03
CA LYS B 247 8.94 -1.96 -12.02
C LYS B 247 9.23 -2.84 -13.21
N LYS B 248 10.49 -3.01 -13.54
CA LYS B 248 10.85 -3.89 -14.62
C LYS B 248 10.31 -5.31 -14.37
N TRP B 249 10.45 -5.80 -13.14
CA TRP B 249 9.87 -7.11 -12.78
C TRP B 249 8.33 -7.14 -12.90
N ILE B 250 7.67 -6.13 -12.36
CA ILE B 250 6.22 -6.05 -12.44
C ILE B 250 5.79 -6.17 -13.91
N GLN B 251 6.39 -5.36 -14.76
CA GLN B 251 6.04 -5.36 -16.18
C GLN B 251 6.37 -6.67 -16.87
N LYS B 252 7.48 -7.28 -16.51
CA LYS B 252 7.87 -8.54 -17.09
C LYS B 252 6.78 -9.59 -16.85
N VAL B 253 6.31 -9.67 -15.60
CA VAL B 253 5.28 -10.65 -15.19
C VAL B 253 4.00 -10.38 -15.94
N ILE B 254 3.59 -9.15 -15.99
CA ILE B 254 2.34 -8.82 -16.61
C ILE B 254 2.39 -9.00 -18.12
N ASP B 255 3.49 -8.62 -18.74
CA ASP B 255 3.64 -8.77 -20.21
C ASP B 255 3.67 -10.25 -20.60
N GLN B 256 4.26 -11.07 -19.75
CA GLN B 256 4.43 -12.46 -20.07
C GLN B 256 3.18 -13.28 -19.79
N PHE B 257 2.55 -13.06 -18.63
CA PHE B 257 1.58 -14.04 -18.07
C PHE B 257 0.14 -13.59 -18.20
N GLY B 258 -0.13 -12.67 -19.14
CA GLY B 258 -1.45 -12.53 -19.74
C GLY B 258 -2.22 -11.34 -19.19
#